data_8Q0T
#
_entry.id   8Q0T
#
_cell.length_a   88.273
_cell.length_b   110.247
_cell.length_c   57.862
_cell.angle_alpha   90.00
_cell.angle_beta   90.00
_cell.angle_gamma   90.00
#
_symmetry.space_group_name_H-M   'P 21 21 2'
#
loop_
_entity.id
_entity.type
_entity.pdbx_description
1 polymer 'Polyketide synthase Pks13'
2 non-polymer 3-(3,4-dimethoxyphenyl)-~{N}-[2-(3,4-dimethoxyphenyl)ethyl]-1,2,4-oxadiazole-5-carboxamide
3 water water
#
_entity_poly.entity_id   1
_entity_poly.type   'polypeptide(L)'
_entity_poly.pdbx_seq_one_letter_code
;SNAQIDGFVRTLRARPEAGGKVPVFVFHPAGGSTVVYEPLLGRLPADTPMYGFERVEGSIEERAQQYVPKLIEMQGDGPY
VLVGWSLGGVLAYACAIGLRRLGKDVRFVGLIDAVRAGEEIPQTKEEIRKRWDRYAAFAEKTFNVTIPAIPYEQLEELDD
EGQVRFVLDAVSQSGVQIPAGIIEHQRTSYLDNRAIDTAQIQPYDGHVTLYMADRYHDDAIMFEPRYAVRQPDGGWGEYV
SDLEVVPIGGEHIQAIDEPIIAKVGEHMSRALGQIEADRTSEVGKQ
;
_entity_poly.pdbx_strand_id   A,B
#
# COMPACT_ATOMS: atom_id res chain seq x y z
N GLN A 4 32.84 -17.37 9.22
CA GLN A 4 31.54 -16.92 8.60
C GLN A 4 30.36 -16.86 9.52
N ILE A 5 30.22 -17.87 10.39
CA ILE A 5 29.19 -17.85 11.45
C ILE A 5 29.96 -17.52 12.72
N ASP A 6 29.61 -16.41 13.35
CA ASP A 6 30.17 -16.02 14.62
C ASP A 6 28.99 -15.80 15.56
N GLY A 7 28.65 -16.80 16.39
CA GLY A 7 27.49 -16.71 17.32
C GLY A 7 26.18 -16.70 16.49
N PHE A 8 25.47 -15.57 16.52
CA PHE A 8 24.24 -15.37 15.70
C PHE A 8 24.44 -14.43 14.52
N VAL A 9 25.69 -14.05 14.19
CA VAL A 9 25.98 -13.19 13.03
C VAL A 9 26.61 -14.01 11.87
N ARG A 10 25.97 -14.00 10.71
CA ARG A 10 26.49 -14.64 9.51
C ARG A 10 27.05 -13.52 8.63
N THR A 11 28.30 -13.65 8.20
CA THR A 11 28.86 -12.76 7.23
C THR A 11 28.48 -13.18 5.82
N LEU A 12 27.61 -12.39 5.13
CA LEU A 12 27.27 -12.68 3.73
C LEU A 12 28.23 -12.01 2.74
N ARG A 13 28.60 -10.75 3.00
CA ARG A 13 29.73 -10.09 2.34
C ARG A 13 30.42 -9.22 3.39
N ALA A 14 31.67 -9.52 3.64
CA ALA A 14 32.49 -8.85 4.60
C ALA A 14 32.76 -7.43 4.17
N ARG A 15 32.72 -6.50 5.13
CA ARG A 15 33.09 -5.12 4.88
C ARG A 15 34.63 -5.04 4.74
N PRO A 16 35.17 -3.96 4.11
CA PRO A 16 36.67 -3.88 4.02
C PRO A 16 37.31 -3.73 5.38
N GLU A 17 38.60 -4.02 5.47
CA GLU A 17 39.33 -3.82 6.72
C GLU A 17 39.05 -2.42 7.35
N ALA A 18 38.91 -1.39 6.50
CA ALA A 18 38.60 -0.03 6.96
C ALA A 18 37.84 0.71 5.90
N GLY A 19 37.07 1.72 6.33
CA GLY A 19 36.19 2.48 5.42
C GLY A 19 35.19 1.57 4.66
N GLY A 20 34.84 2.01 3.45
CA GLY A 20 34.00 1.24 2.54
C GLY A 20 32.54 1.64 2.77
N LYS A 21 31.66 0.93 2.07
CA LYS A 21 30.21 1.22 2.10
C LYS A 21 29.50 0.82 3.38
N VAL A 22 28.36 1.44 3.62
CA VAL A 22 27.57 1.24 4.82
C VAL A 22 27.05 -0.17 4.75
N PRO A 23 27.23 -0.96 5.84
CA PRO A 23 26.67 -2.35 5.72
C PRO A 23 25.14 -2.41 5.74
N VAL A 24 24.58 -3.44 5.12
CA VAL A 24 23.13 -3.84 5.30
C VAL A 24 23.05 -4.99 6.27
N PHE A 25 22.33 -4.76 7.37
CA PHE A 25 22.06 -5.74 8.36
C PHE A 25 20.70 -6.35 7.99
N VAL A 26 20.69 -7.67 7.75
CA VAL A 26 19.43 -8.45 7.50
C VAL A 26 19.13 -9.37 8.68
N PHE A 27 17.84 -9.72 8.86
CA PHE A 27 17.34 -10.45 9.99
C PHE A 27 16.55 -11.67 9.46
N HIS A 28 16.78 -12.79 10.11
CA HIS A 28 16.28 -14.05 9.67
C HIS A 28 14.70 -14.06 9.69
N PRO A 29 14.14 -14.84 8.79
CA PRO A 29 12.69 -15.17 8.80
C PRO A 29 12.43 -16.40 9.68
N ALA A 30 11.18 -16.64 10.10
CA ALA A 30 10.91 -17.88 10.84
C ALA A 30 11.13 -19.05 9.93
N GLY A 31 11.83 -20.04 10.46
CA GLY A 31 12.12 -21.28 9.76
C GLY A 31 13.17 -21.17 8.65
N GLY A 32 13.94 -20.08 8.64
CA GLY A 32 14.99 -19.98 7.68
C GLY A 32 16.13 -19.22 8.30
N SER A 33 17.24 -19.18 7.58
CA SER A 33 18.43 -18.42 8.00
C SER A 33 18.58 -17.25 7.12
N THR A 34 19.67 -16.45 7.29
CA THR A 34 19.84 -15.30 6.47
C THR A 34 20.40 -15.64 5.12
N VAL A 35 20.67 -16.91 4.82
CA VAL A 35 21.02 -17.21 3.42
C VAL A 35 19.96 -16.83 2.42
N VAL A 36 18.69 -16.67 2.86
CA VAL A 36 17.67 -16.23 1.96
C VAL A 36 17.84 -14.86 1.40
N TYR A 37 18.76 -14.05 1.96
CA TYR A 37 19.08 -12.75 1.42
C TYR A 37 20.16 -12.70 0.38
N GLU A 38 20.68 -13.86 -0.03
CA GLU A 38 21.65 -13.91 -1.13
C GLU A 38 21.12 -13.35 -2.45
N PRO A 39 19.89 -13.69 -2.89
CA PRO A 39 19.42 -13.02 -4.11
C PRO A 39 19.30 -11.49 -4.01
N LEU A 40 18.86 -10.98 -2.86
CA LEU A 40 18.81 -9.50 -2.64
C LEU A 40 20.22 -8.92 -2.75
N LEU A 41 21.17 -9.59 -2.12
CA LEU A 41 22.61 -9.15 -2.12
C LEU A 41 23.10 -9.01 -3.55
N GLY A 42 22.72 -9.93 -4.41
CA GLY A 42 23.08 -9.81 -5.85
C GLY A 42 22.46 -8.68 -6.66
N ARG A 43 21.39 -8.09 -6.16
CA ARG A 43 20.74 -6.95 -6.74
C ARG A 43 21.10 -5.62 -6.08
N LEU A 44 22.01 -5.64 -5.10
CA LEU A 44 22.54 -4.42 -4.45
C LEU A 44 23.83 -4.01 -5.07
N PRO A 45 24.24 -2.75 -4.81
CA PRO A 45 25.49 -2.27 -5.43
C PRO A 45 26.72 -3.09 -5.05
N ALA A 46 27.70 -3.13 -5.99
CA ALA A 46 28.93 -3.87 -5.75
C ALA A 46 29.59 -3.37 -4.48
N ASP A 47 30.18 -4.32 -3.77
CA ASP A 47 30.90 -4.04 -2.54
C ASP A 47 30.05 -3.63 -1.40
N THR A 48 28.72 -3.76 -1.50
CA THR A 48 27.90 -3.48 -0.31
C THR A 48 28.10 -4.55 0.71
N PRO A 49 28.56 -4.22 1.92
CA PRO A 49 28.65 -5.28 2.88
C PRO A 49 27.27 -5.74 3.41
N MET A 50 27.21 -7.00 3.81
CA MET A 50 25.91 -7.61 4.38
C MET A 50 26.20 -8.59 5.51
N TYR A 51 25.60 -8.35 6.66
CA TYR A 51 25.63 -9.24 7.80
C TYR A 51 24.17 -9.64 8.21
N GLY A 52 23.99 -10.90 8.47
CA GLY A 52 22.73 -11.55 8.85
C GLY A 52 22.70 -11.89 10.32
N PHE A 53 21.60 -11.52 10.95
CA PHE A 53 21.34 -11.87 12.34
C PHE A 53 20.39 -13.07 12.41
N GLU A 54 20.86 -14.12 13.08
CA GLU A 54 20.18 -15.42 13.14
C GLU A 54 19.42 -15.54 14.41
N ARG A 55 18.71 -16.64 14.61
CA ARG A 55 17.71 -16.64 15.68
C ARG A 55 18.27 -16.67 17.13
N VAL A 56 17.58 -15.94 17.98
CA VAL A 56 17.81 -15.96 19.42
C VAL A 56 16.45 -16.13 20.09
N GLU A 57 16.45 -16.36 21.40
CA GLU A 57 15.17 -16.57 22.12
C GLU A 57 14.69 -15.30 22.76
N GLY A 58 13.39 -15.34 23.07
CA GLY A 58 12.69 -14.30 23.79
C GLY A 58 11.50 -13.74 23.03
N SER A 59 10.85 -12.77 23.65
CA SER A 59 9.91 -11.92 22.97
C SER A 59 10.68 -11.17 21.87
N ILE A 60 9.91 -10.54 20.97
CA ILE A 60 10.51 -9.69 19.90
C ILE A 60 11.43 -8.62 20.58
N GLU A 61 10.95 -8.07 21.67
CA GLU A 61 11.65 -7.04 22.45
C GLU A 61 12.93 -7.57 23.04
N GLU A 62 12.83 -8.73 23.70
CA GLU A 62 14.01 -9.44 24.20
C GLU A 62 15.07 -9.81 23.16
N ARG A 63 14.63 -10.22 21.96
CA ARG A 63 15.53 -10.54 20.86
C ARG A 63 16.30 -9.30 20.42
N ALA A 64 15.59 -8.18 20.24
CA ALA A 64 16.23 -6.89 19.96
C ALA A 64 17.23 -6.46 21.04
N GLN A 65 16.97 -6.74 22.31
CA GLN A 65 17.94 -6.47 23.38
C GLN A 65 19.20 -7.26 23.25
N GLN A 66 19.18 -8.43 22.60
CA GLN A 66 20.39 -9.13 22.32
C GLN A 66 21.11 -8.62 21.04
N TYR A 67 20.34 -8.22 20.02
CA TYR A 67 20.92 -7.76 18.75
C TYR A 67 21.58 -6.38 18.78
N VAL A 68 20.92 -5.49 19.50
CA VAL A 68 21.29 -4.08 19.50
C VAL A 68 22.73 -3.85 19.98
N PRO A 69 23.12 -4.44 21.13
CA PRO A 69 24.57 -4.31 21.51
C PRO A 69 25.51 -4.82 20.45
N LYS A 70 25.13 -5.87 19.77
CA LYS A 70 25.96 -6.42 18.73
C LYS A 70 26.05 -5.50 17.51
N LEU A 71 24.92 -4.91 17.12
CA LEU A 71 24.89 -3.94 16.05
C LEU A 71 25.91 -2.79 16.35
N ILE A 72 25.88 -2.33 17.59
CA ILE A 72 26.70 -1.17 18.00
C ILE A 72 28.19 -1.56 18.03
N GLU A 73 28.51 -2.76 18.50
CA GLU A 73 29.86 -3.24 18.43
C GLU A 73 30.37 -3.23 16.98
N MET A 74 29.49 -3.57 16.04
CA MET A 74 29.91 -3.62 14.66
C MET A 74 29.97 -2.28 13.92
N GLN A 75 29.07 -1.38 14.24
CA GLN A 75 28.83 -0.20 13.41
C GLN A 75 28.79 1.12 14.15
N GLY A 76 28.83 1.11 15.47
CA GLY A 76 29.08 2.34 16.21
C GLY A 76 27.85 3.25 16.21
N ASP A 77 28.10 4.53 16.00
CA ASP A 77 27.00 5.53 15.96
C ASP A 77 26.07 5.43 14.71
N GLY A 78 26.50 4.69 13.66
CA GLY A 78 25.78 4.62 12.41
C GLY A 78 26.69 4.87 11.26
N PRO A 79 26.14 5.07 10.06
CA PRO A 79 24.67 4.92 9.81
C PRO A 79 24.20 3.45 9.80
N TYR A 80 22.95 3.22 10.22
CA TYR A 80 22.34 1.87 10.29
C TYR A 80 21.38 1.69 9.15
N VAL A 81 21.56 0.60 8.42
CA VAL A 81 20.59 0.19 7.39
C VAL A 81 20.09 -1.20 7.83
N LEU A 82 18.79 -1.33 8.06
CA LEU A 82 18.18 -2.52 8.72
C LEU A 82 17.07 -3.06 7.84
N VAL A 83 17.16 -4.34 7.46
CA VAL A 83 16.30 -4.93 6.41
C VAL A 83 15.80 -6.27 6.86
N GLY A 84 14.53 -6.56 6.61
CA GLY A 84 14.09 -7.93 6.80
C GLY A 84 12.80 -8.27 6.11
N TRP A 85 12.73 -9.52 5.68
CA TRP A 85 11.51 -10.17 5.18
C TRP A 85 10.78 -10.91 6.30
N SER A 86 9.44 -10.80 6.30
CA SER A 86 8.60 -11.58 7.18
C SER A 86 8.98 -11.24 8.67
N LEU A 87 9.23 -12.24 9.50
CA LEU A 87 9.59 -12.01 10.94
C LEU A 87 10.86 -11.12 10.98
N GLY A 88 11.72 -11.30 9.97
CA GLY A 88 12.91 -10.45 9.82
C GLY A 88 12.61 -8.94 9.86
N GLY A 89 11.53 -8.52 9.20
CA GLY A 89 11.18 -7.14 9.12
C GLY A 89 10.77 -6.62 10.50
N VAL A 90 10.02 -7.42 11.24
CA VAL A 90 9.65 -7.07 12.62
C VAL A 90 10.88 -6.92 13.56
N LEU A 91 11.80 -7.84 13.46
CA LEU A 91 13.06 -7.82 14.18
C LEU A 91 13.88 -6.57 13.75
N ALA A 92 13.97 -6.28 12.44
CA ALA A 92 14.65 -5.05 11.95
C ALA A 92 14.05 -3.76 12.57
N TYR A 93 12.71 -3.70 12.65
CA TYR A 93 12.04 -2.53 13.15
C TYR A 93 12.29 -2.39 14.64
N ALA A 94 12.22 -3.54 15.32
CA ALA A 94 12.47 -3.52 16.76
C ALA A 94 13.90 -3.07 17.07
N CYS A 95 14.83 -3.50 16.26
CA CYS A 95 16.23 -2.96 16.33
C CYS A 95 16.31 -1.47 16.05
N ALA A 96 15.58 -0.98 15.02
CA ALA A 96 15.56 0.48 14.77
C ALA A 96 15.12 1.28 16.00
N ILE A 97 14.06 0.79 16.66
CA ILE A 97 13.56 1.37 17.87
C ILE A 97 14.64 1.43 18.99
N GLY A 98 15.28 0.30 19.27
CA GLY A 98 16.31 0.21 20.32
C GLY A 98 17.52 1.11 20.05
N LEU A 99 17.90 1.20 18.79
CA LEU A 99 19.04 2.00 18.34
C LEU A 99 18.73 3.50 18.46
N ARG A 100 17.51 3.88 18.07
CA ARG A 100 17.08 5.27 18.20
C ARG A 100 16.98 5.70 19.68
N ARG A 101 16.56 4.79 20.56
CA ARG A 101 16.51 5.05 22.03
C ARG A 101 17.95 5.38 22.53
N LEU A 102 18.97 4.78 21.94
CA LEU A 102 20.36 5.01 22.31
C LEU A 102 21.01 6.16 21.53
N GLY A 103 20.24 6.97 20.79
CA GLY A 103 20.80 8.08 20.07
C GLY A 103 21.51 7.72 18.78
N LYS A 104 21.39 6.49 18.27
CA LYS A 104 22.15 6.15 17.08
C LYS A 104 21.48 6.61 15.79
N ASP A 105 22.28 6.77 14.73
CA ASP A 105 21.78 7.26 13.45
C ASP A 105 21.22 6.16 12.52
N VAL A 106 19.90 5.96 12.52
CA VAL A 106 19.23 4.93 11.65
C VAL A 106 18.76 5.62 10.37
N ARG A 107 19.27 5.22 9.20
CA ARG A 107 18.96 5.89 7.93
C ARG A 107 18.06 5.13 6.95
N PHE A 108 17.96 3.79 7.11
CA PHE A 108 17.08 3.01 6.24
C PHE A 108 16.50 1.80 6.99
N VAL A 109 15.18 1.63 6.87
CA VAL A 109 14.51 0.48 7.42
C VAL A 109 13.68 -0.11 6.34
N GLY A 110 14.06 -1.29 5.90
CA GLY A 110 13.44 -1.87 4.75
C GLY A 110 12.70 -3.12 5.11
N LEU A 111 11.39 -3.08 4.95
CA LEU A 111 10.52 -4.17 5.35
C LEU A 111 10.01 -4.88 4.12
N ILE A 112 10.35 -6.14 4.00
CA ILE A 112 10.06 -6.89 2.80
C ILE A 112 8.78 -7.74 3.13
N ASP A 113 7.64 -7.22 2.66
CA ASP A 113 6.34 -7.75 2.91
C ASP A 113 6.06 -8.13 4.38
N ALA A 114 6.53 -7.27 5.30
CA ALA A 114 6.29 -7.51 6.74
C ALA A 114 4.96 -6.80 7.06
N VAL A 115 3.87 -7.54 6.94
CA VAL A 115 2.51 -7.01 6.92
C VAL A 115 1.65 -7.60 8.09
N ARG A 116 1.01 -6.72 8.85
CA ARG A 116 0.23 -7.13 10.03
C ARG A 116 -0.95 -7.98 9.56
N ALA A 117 -1.33 -8.93 10.41
CA ALA A 117 -2.62 -9.56 10.28
C ALA A 117 -3.73 -8.50 10.11
N GLY A 118 -4.73 -8.83 9.37
CA GLY A 118 -5.77 -7.86 9.07
C GLY A 118 -6.62 -7.51 10.28
N GLU A 119 -6.65 -8.40 11.27
CA GLU A 119 -7.31 -8.19 12.57
C GLU A 119 -6.31 -8.60 13.63
N GLU A 120 -6.32 -7.95 14.80
CA GLU A 120 -5.45 -8.39 15.90
C GLU A 120 -5.76 -9.86 16.37
N ILE A 121 -4.73 -10.53 16.84
CA ILE A 121 -4.84 -11.91 17.24
C ILE A 121 -5.09 -11.90 18.72
N PRO A 122 -6.30 -12.28 19.14
CA PRO A 122 -6.58 -12.16 20.58
C PRO A 122 -5.70 -13.07 21.41
N GLN A 123 -5.27 -12.57 22.56
CA GLN A 123 -4.42 -13.31 23.45
C GLN A 123 -5.32 -13.84 24.56
N THR A 124 -6.17 -14.79 24.26
CA THR A 124 -7.15 -15.28 25.21
C THR A 124 -7.21 -16.80 25.24
N LYS A 125 -7.73 -17.34 26.33
CA LYS A 125 -8.01 -18.76 26.41
C LYS A 125 -8.94 -19.24 25.29
N GLU A 126 -9.99 -18.49 24.96
CA GLU A 126 -10.89 -18.90 23.88
C GLU A 126 -10.16 -19.04 22.53
N GLU A 127 -9.32 -18.06 22.18
CA GLU A 127 -8.52 -18.14 20.92
C GLU A 127 -7.53 -19.32 20.92
N ILE A 128 -6.90 -19.61 22.03
CA ILE A 128 -6.01 -20.82 22.13
C ILE A 128 -6.84 -22.08 21.86
N ARG A 129 -8.00 -22.19 22.51
CA ARG A 129 -8.89 -23.30 22.20
C ARG A 129 -9.21 -23.39 20.71
N LYS A 130 -9.69 -22.29 20.12
CA LYS A 130 -10.11 -22.34 18.72
C LYS A 130 -8.97 -22.64 17.77
N ARG A 131 -7.79 -22.13 18.12
CA ARG A 131 -6.59 -22.36 17.29
C ARG A 131 -6.19 -23.86 17.26
N TRP A 132 -6.07 -24.46 18.44
CA TRP A 132 -5.78 -25.93 18.55
C TRP A 132 -6.89 -26.85 18.01
N ASP A 133 -8.16 -26.42 18.06
CA ASP A 133 -9.23 -27.20 17.42
C ASP A 133 -9.07 -27.19 15.90
N ARG A 134 -8.69 -26.03 15.34
CA ARG A 134 -8.36 -25.99 13.91
C ARG A 134 -7.18 -26.88 13.57
N TYR A 135 -6.08 -26.73 14.31
CA TYR A 135 -4.90 -27.54 14.07
C TYR A 135 -5.18 -29.05 14.18
N ALA A 136 -5.95 -29.45 15.20
CA ALA A 136 -6.31 -30.85 15.36
C ALA A 136 -7.15 -31.36 14.16
N ALA A 137 -8.04 -30.54 13.63
CA ALA A 137 -8.86 -30.92 12.46
C ALA A 137 -7.99 -31.21 11.24
N PHE A 138 -7.03 -30.32 10.95
CA PHE A 138 -6.03 -30.59 9.90
C PHE A 138 -5.20 -31.83 10.16
N ALA A 139 -4.74 -32.04 11.38
CA ALA A 139 -4.02 -33.25 11.72
C ALA A 139 -4.85 -34.53 11.51
N GLU A 140 -6.17 -34.50 11.74
CA GLU A 140 -7.06 -35.69 11.53
C GLU A 140 -7.01 -36.07 10.07
N LYS A 141 -7.32 -35.09 9.21
CA LYS A 141 -7.31 -35.28 7.76
C LYS A 141 -5.96 -35.87 7.27
N THR A 142 -4.90 -35.12 7.52
CA THR A 142 -3.53 -35.45 7.13
C THR A 142 -3.02 -36.83 7.61
N PHE A 143 -3.01 -37.02 8.92
CA PHE A 143 -2.57 -38.30 9.49
C PHE A 143 -3.66 -39.41 9.49
N ASN A 144 -4.81 -39.14 8.83
CA ASN A 144 -5.95 -40.07 8.78
C ASN A 144 -6.15 -40.80 10.12
N VAL A 145 -6.50 -40.01 11.15
CA VAL A 145 -6.53 -40.44 12.56
C VAL A 145 -7.71 -39.72 13.26
N THR A 146 -8.12 -40.22 14.43
CA THR A 146 -9.19 -39.59 15.22
C THR A 146 -8.53 -38.91 16.43
N ILE A 147 -8.72 -37.60 16.61
CA ILE A 147 -8.09 -36.91 17.76
C ILE A 147 -9.16 -36.94 18.86
N PRO A 148 -8.78 -37.39 20.09
CA PRO A 148 -9.69 -37.31 21.25
C PRO A 148 -9.92 -35.87 21.78
N ALA A 149 -10.64 -35.75 22.89
CA ALA A 149 -10.92 -34.45 23.53
C ALA A 149 -9.62 -33.76 23.94
N ILE A 150 -9.44 -32.51 23.51
CA ILE A 150 -8.20 -31.78 23.80
C ILE A 150 -8.12 -31.37 25.30
N PRO A 151 -6.94 -31.49 25.93
CA PRO A 151 -6.92 -31.14 27.35
C PRO A 151 -6.73 -29.60 27.54
N TYR A 152 -7.79 -28.86 27.20
CA TYR A 152 -7.75 -27.43 26.99
C TYR A 152 -7.27 -26.72 28.25
N GLU A 153 -7.79 -27.16 29.42
CA GLU A 153 -7.47 -26.60 30.75
C GLU A 153 -5.97 -26.48 31.01
N GLN A 154 -5.20 -27.38 30.38
CA GLN A 154 -3.74 -27.42 30.49
C GLN A 154 -3.05 -26.58 29.41
N LEU A 155 -3.58 -26.62 28.18
CA LEU A 155 -2.96 -25.88 27.08
C LEU A 155 -3.08 -24.37 27.26
N GLU A 156 -4.24 -23.97 27.77
CA GLU A 156 -4.61 -22.56 27.78
C GLU A 156 -3.87 -21.74 28.82
N GLU A 157 -3.15 -22.40 29.75
CA GLU A 157 -2.27 -21.73 30.75
C GLU A 157 -0.77 -21.61 30.30
N LEU A 158 -0.45 -22.20 29.15
CA LEU A 158 0.92 -22.23 28.66
C LEU A 158 1.19 -21.11 27.63
N ASP A 159 2.45 -20.75 27.48
CA ASP A 159 2.88 -19.85 26.39
C ASP A 159 3.01 -20.70 25.15
N ASP A 160 3.34 -20.05 24.04
CA ASP A 160 3.35 -20.77 22.76
C ASP A 160 4.33 -21.97 22.77
N GLU A 161 5.52 -21.76 23.32
CA GLU A 161 6.49 -22.82 23.55
C GLU A 161 5.97 -23.98 24.37
N GLY A 162 5.37 -23.70 25.51
CA GLY A 162 4.74 -24.71 26.34
C GLY A 162 3.61 -25.46 25.62
N GLN A 163 2.80 -24.75 24.81
CA GLN A 163 1.66 -25.40 24.11
C GLN A 163 2.19 -26.45 23.14
N VAL A 164 3.25 -26.11 22.42
CA VAL A 164 3.81 -27.04 21.45
C VAL A 164 4.51 -28.17 22.19
N ARG A 165 5.36 -27.86 23.18
CA ARG A 165 6.01 -28.90 24.01
C ARG A 165 4.96 -29.90 24.54
N PHE A 166 3.79 -29.40 24.97
CA PHE A 166 2.70 -30.27 25.46
C PHE A 166 2.11 -31.16 24.34
N VAL A 167 1.90 -30.56 23.17
CA VAL A 167 1.35 -31.29 22.05
C VAL A 167 2.36 -32.34 21.57
N LEU A 168 3.65 -31.98 21.55
CA LEU A 168 4.72 -32.92 21.11
C LEU A 168 4.93 -34.07 22.09
N ASP A 169 4.88 -33.80 23.39
CA ASP A 169 4.97 -34.87 24.42
C ASP A 169 3.72 -35.78 24.26
N ALA A 170 2.55 -35.20 23.98
CA ALA A 170 1.33 -36.00 23.72
C ALA A 170 1.45 -36.82 22.43
N VAL A 171 1.96 -36.24 21.34
CA VAL A 171 2.24 -37.02 20.13
C VAL A 171 3.21 -38.19 20.39
N SER A 172 4.28 -37.96 21.15
CA SER A 172 5.27 -39.03 21.44
C SER A 172 4.74 -40.21 22.26
N GLN A 173 4.12 -39.94 23.39
CA GLN A 173 3.53 -41.02 24.20
C GLN A 173 2.14 -41.42 23.68
N SER A 174 1.72 -40.84 22.55
CA SER A 174 0.72 -41.42 21.64
C SER A 174 1.30 -42.63 20.91
N GLY A 175 2.63 -42.70 20.74
CA GLY A 175 3.28 -43.76 19.97
C GLY A 175 3.83 -43.34 18.61
N VAL A 176 3.81 -42.04 18.29
CA VAL A 176 4.42 -41.54 17.04
C VAL A 176 5.78 -40.92 17.39
N GLN A 177 6.87 -41.47 16.85
CA GLN A 177 8.26 -40.98 17.08
C GLN A 177 8.78 -40.13 15.87
N ILE A 178 8.83 -38.81 16.04
CA ILE A 178 9.24 -37.89 14.98
C ILE A 178 10.76 -37.61 15.04
N PRO A 179 11.49 -37.78 13.89
CA PRO A 179 12.90 -37.38 13.80
C PRO A 179 13.18 -36.00 14.41
N ALA A 180 14.21 -35.93 15.23
CA ALA A 180 14.45 -34.78 16.07
C ALA A 180 14.68 -33.50 15.26
N GLY A 181 15.22 -33.64 14.04
CA GLY A 181 15.45 -32.51 13.16
C GLY A 181 14.19 -31.93 12.55
N ILE A 182 13.19 -32.76 12.29
CA ILE A 182 11.89 -32.28 11.85
C ILE A 182 11.21 -31.59 13.03
N ILE A 183 11.32 -32.12 14.24
CA ILE A 183 10.69 -31.50 15.42
C ILE A 183 11.30 -30.13 15.65
N GLU A 184 12.61 -30.09 15.82
CA GLU A 184 13.31 -28.83 16.00
C GLU A 184 12.93 -27.80 14.92
N HIS A 185 12.97 -28.16 13.65
CA HIS A 185 12.58 -27.23 12.58
C HIS A 185 11.13 -26.75 12.74
N GLN A 186 10.17 -27.67 12.90
CA GLN A 186 8.74 -27.28 13.01
C GLN A 186 8.50 -26.43 14.27
N ARG A 187 9.09 -26.80 15.38
CA ARG A 187 8.89 -26.11 16.64
C ARG A 187 9.42 -24.67 16.63
N THR A 188 10.65 -24.54 16.14
CA THR A 188 11.35 -23.30 15.93
C THR A 188 10.56 -22.32 15.01
N SER A 189 10.08 -22.83 13.89
CA SER A 189 9.35 -22.03 12.95
C SER A 189 8.04 -21.51 13.54
N TYR A 190 7.27 -22.43 14.12
CA TYR A 190 6.01 -22.09 14.79
C TYR A 190 6.18 -21.03 15.88
N LEU A 191 7.13 -21.19 16.79
CA LEU A 191 7.25 -20.29 17.90
C LEU A 191 7.77 -18.93 17.46
N ASP A 192 8.59 -18.92 16.41
CA ASP A 192 9.17 -17.63 15.97
C ASP A 192 8.04 -16.80 15.29
N ASN A 193 7.22 -17.46 14.46
CA ASN A 193 6.04 -16.80 13.88
C ASN A 193 5.00 -16.34 14.91
N ARG A 194 4.75 -17.17 15.95
CA ARG A 194 3.95 -16.71 17.06
C ARG A 194 4.48 -15.57 17.88
N ALA A 195 5.78 -15.44 18.06
CA ALA A 195 6.32 -14.29 18.74
C ALA A 195 5.78 -12.96 18.22
N ILE A 196 5.52 -12.88 16.91
CA ILE A 196 5.14 -11.66 16.30
C ILE A 196 3.84 -11.14 16.86
N ASP A 197 2.91 -12.05 17.16
CA ASP A 197 1.53 -11.68 17.56
C ASP A 197 1.48 -10.75 18.77
N THR A 198 2.45 -10.85 19.65
CA THR A 198 2.51 -9.95 20.82
C THR A 198 3.66 -8.91 20.78
N ALA A 199 4.20 -8.63 19.60
CA ALA A 199 5.20 -7.54 19.45
C ALA A 199 4.57 -6.22 19.95
N GLN A 200 5.31 -5.46 20.73
CA GLN A 200 4.80 -4.20 21.25
C GLN A 200 5.37 -3.15 20.31
N ILE A 201 4.66 -2.79 19.26
CA ILE A 201 5.21 -1.88 18.25
C ILE A 201 5.24 -0.45 18.81
N GLN A 202 6.39 0.18 18.73
CA GLN A 202 6.61 1.58 19.17
C GLN A 202 6.70 2.51 17.98
N PRO A 203 6.36 3.81 18.17
CA PRO A 203 6.51 4.73 17.10
C PRO A 203 7.98 4.99 16.72
N TYR A 204 8.18 5.15 15.43
CA TYR A 204 9.46 5.41 14.86
C TYR A 204 9.37 6.71 14.05
N ASP A 205 10.42 7.52 14.22
CA ASP A 205 10.56 8.92 13.81
C ASP A 205 11.27 9.05 12.45
N GLY A 206 11.85 7.98 11.90
CA GLY A 206 12.56 8.02 10.60
C GLY A 206 11.80 7.40 9.43
N HIS A 207 12.51 7.24 8.34
CA HIS A 207 11.90 6.77 7.10
C HIS A 207 11.86 5.23 7.08
N VAL A 208 10.71 4.68 6.78
CA VAL A 208 10.54 3.21 6.57
C VAL A 208 10.03 2.95 5.18
N THR A 209 10.63 1.95 4.58
CA THR A 209 10.22 1.56 3.25
C THR A 209 9.59 0.16 3.35
N LEU A 210 8.32 0.04 3.01
CA LEU A 210 7.60 -1.25 3.00
C LEU A 210 7.39 -1.73 1.61
N TYR A 211 8.05 -2.85 1.28
CA TYR A 211 7.88 -3.52 0.01
C TYR A 211 6.67 -4.42 0.12
N MET A 212 5.60 -4.07 -0.60
CA MET A 212 4.29 -4.71 -0.33
C MET A 212 3.83 -5.63 -1.42
N ALA A 213 3.77 -6.90 -1.10
CA ALA A 213 3.16 -7.87 -1.97
C ALA A 213 1.61 -7.69 -1.99
N ASP A 214 0.99 -8.48 -2.83
CA ASP A 214 -0.47 -8.51 -2.90
C ASP A 214 -1.15 -9.22 -1.79
N ARG A 215 -0.63 -10.35 -1.37
CA ARG A 215 -1.30 -11.18 -0.35
C ARG A 215 -0.37 -12.18 0.33
N TYR A 216 -0.74 -12.63 1.51
CA TYR A 216 -0.13 -13.83 2.11
C TYR A 216 -0.32 -15.10 1.32
N HIS A 217 0.67 -15.99 1.37
CA HIS A 217 0.58 -17.31 0.76
C HIS A 217 -0.33 -18.20 1.60
N ASP A 218 -0.66 -19.34 1.03
CA ASP A 218 -1.57 -20.29 1.72
C ASP A 218 -1.01 -20.86 3.04
N ASP A 219 0.27 -21.19 3.12
CA ASP A 219 0.76 -21.74 4.37
C ASP A 219 0.67 -20.74 5.53
N ALA A 220 0.79 -19.44 5.24
CA ALA A 220 0.64 -18.43 6.29
C ALA A 220 -0.82 -18.30 6.76
N ILE A 221 -1.77 -18.46 5.84
CA ILE A 221 -3.17 -18.44 6.18
C ILE A 221 -3.61 -19.68 7.00
N MET A 222 -3.12 -20.89 6.65
CA MET A 222 -3.31 -22.08 7.45
C MET A 222 -2.77 -21.86 8.84
N PHE A 223 -1.59 -21.30 8.95
CA PHE A 223 -1.02 -20.99 10.25
C PHE A 223 -1.94 -20.08 11.10
N GLU A 224 -2.35 -18.98 10.49
CA GLU A 224 -3.13 -17.97 11.15
C GLU A 224 -4.12 -17.35 10.16
N PRO A 225 -5.42 -17.73 10.24
CA PRO A 225 -6.42 -17.25 9.21
C PRO A 225 -6.55 -15.74 9.04
N ARG A 226 -6.22 -14.97 10.09
CA ARG A 226 -6.30 -13.54 10.00
C ARG A 226 -5.29 -12.89 9.00
N TYR A 227 -4.29 -13.64 8.56
CA TYR A 227 -3.41 -13.17 7.47
C TYR A 227 -4.12 -13.17 6.08
N ALA A 228 -5.37 -13.67 5.98
CA ALA A 228 -6.13 -13.63 4.71
C ALA A 228 -6.54 -12.21 4.29
N VAL A 229 -6.53 -11.28 5.22
CA VAL A 229 -6.82 -9.88 4.98
C VAL A 229 -5.65 -9.00 5.39
N ARG A 230 -5.37 -7.99 4.56
CA ARG A 230 -4.31 -7.00 4.85
C ARG A 230 -4.83 -5.59 4.54
N GLN A 231 -4.36 -4.60 5.31
CA GLN A 231 -4.59 -3.19 5.04
C GLN A 231 -3.55 -2.63 4.08
N PRO A 232 -3.92 -1.55 3.33
CA PRO A 232 -3.01 -0.85 2.45
C PRO A 232 -1.70 -0.41 3.09
N ASP A 233 -1.67 -0.05 4.37
CA ASP A 233 -0.41 0.37 5.00
C ASP A 233 0.32 -0.78 5.75
N GLY A 234 -0.16 -2.01 5.64
CA GLY A 234 0.38 -3.20 6.32
C GLY A 234 0.30 -3.11 7.86
N GLY A 235 -0.52 -2.18 8.39
CA GLY A 235 -0.60 -1.92 9.82
C GLY A 235 0.39 -0.96 10.38
N TRP A 236 1.24 -0.36 9.55
CA TRP A 236 2.33 0.49 10.03
C TRP A 236 2.02 2.00 10.18
N GLY A 237 0.95 2.45 9.54
CA GLY A 237 0.67 3.87 9.42
C GLY A 237 0.55 4.61 10.72
N GLU A 238 -0.06 4.01 11.71
CA GLU A 238 -0.20 4.66 13.01
C GLU A 238 1.14 4.81 13.74
N TYR A 239 2.17 4.01 13.40
CA TYR A 239 3.46 4.09 14.07
C TYR A 239 4.54 4.81 13.32
N VAL A 240 4.36 4.95 12.02
CA VAL A 240 5.37 5.51 11.14
C VAL A 240 4.77 6.63 10.27
N SER A 241 5.00 7.88 10.64
CA SER A 241 4.44 8.95 9.83
C SER A 241 5.18 9.11 8.48
N ASP A 242 6.50 8.82 8.43
CA ASP A 242 7.29 8.89 7.21
C ASP A 242 7.38 7.43 6.58
N LEU A 243 6.25 6.95 6.06
CA LEU A 243 6.09 5.61 5.54
C LEU A 243 5.97 5.65 4.02
N GLU A 244 6.82 4.89 3.35
CA GLU A 244 6.78 4.71 1.91
C GLU A 244 6.44 3.28 1.63
N VAL A 245 5.45 3.07 0.76
CA VAL A 245 5.08 1.74 0.27
C VAL A 245 5.48 1.55 -1.21
N VAL A 246 6.19 0.46 -1.48
CA VAL A 246 6.63 0.10 -2.83
C VAL A 246 5.96 -1.18 -3.22
N PRO A 247 4.85 -1.11 -3.98
CA PRO A 247 4.21 -2.34 -4.36
C PRO A 247 5.07 -3.20 -5.27
N ILE A 248 5.09 -4.52 -4.98
CA ILE A 248 5.85 -5.54 -5.71
C ILE A 248 5.01 -6.66 -6.27
N GLY A 249 3.71 -6.72 -5.93
CA GLY A 249 2.84 -7.81 -6.31
C GLY A 249 3.20 -9.18 -5.76
N GLY A 250 2.49 -10.17 -6.27
CA GLY A 250 2.71 -11.56 -5.90
C GLY A 250 2.34 -11.91 -4.43
N GLU A 251 2.90 -13.00 -3.94
CA GLU A 251 2.61 -13.52 -2.60
C GLU A 251 3.80 -13.24 -1.69
N HIS A 252 3.53 -13.19 -0.39
CA HIS A 252 4.57 -13.03 0.66
C HIS A 252 5.76 -13.96 0.47
N ILE A 253 5.49 -15.22 0.17
CA ILE A 253 6.56 -16.22 0.03
C ILE A 253 7.49 -16.03 -1.17
N GLN A 254 6.99 -15.31 -2.19
CA GLN A 254 7.72 -14.96 -3.42
C GLN A 254 8.56 -13.74 -3.27
N ALA A 255 8.34 -12.96 -2.20
CA ALA A 255 8.87 -11.60 -2.21
C ALA A 255 10.38 -11.55 -2.02
N ILE A 256 10.90 -12.63 -1.43
CA ILE A 256 12.31 -12.77 -1.10
C ILE A 256 13.15 -13.39 -2.26
N ASP A 257 12.48 -13.90 -3.32
CA ASP A 257 13.13 -14.62 -4.38
C ASP A 257 13.11 -13.87 -5.66
N GLU A 258 14.04 -14.20 -6.57
CA GLU A 258 13.92 -13.86 -7.99
C GLU A 258 12.58 -14.39 -8.52
N PRO A 259 11.84 -13.63 -9.35
CA PRO A 259 12.23 -12.35 -9.95
C PRO A 259 11.84 -11.12 -9.13
N ILE A 260 10.99 -11.30 -8.15
CA ILE A 260 10.40 -10.09 -7.45
C ILE A 260 11.44 -9.32 -6.70
N ILE A 261 12.41 -10.04 -6.15
CA ILE A 261 13.49 -9.42 -5.41
C ILE A 261 14.28 -8.41 -6.28
N ALA A 262 14.30 -8.54 -7.63
CA ALA A 262 14.93 -7.52 -8.47
C ALA A 262 14.30 -6.15 -8.27
N LYS A 263 12.98 -6.13 -8.10
CA LYS A 263 12.25 -4.85 -7.90
C LYS A 263 12.63 -4.21 -6.56
N VAL A 264 12.76 -5.06 -5.55
CA VAL A 264 13.17 -4.65 -4.22
C VAL A 264 14.57 -4.02 -4.30
N GLY A 265 15.47 -4.77 -4.93
CA GLY A 265 16.88 -4.39 -5.07
C GLY A 265 17.13 -3.14 -5.85
N GLU A 266 16.37 -2.98 -6.92
CA GLU A 266 16.49 -1.76 -7.77
C GLU A 266 16.18 -0.52 -6.94
N HIS A 267 15.08 -0.59 -6.16
CA HIS A 267 14.68 0.50 -5.29
C HIS A 267 15.62 0.74 -4.12
N MET A 268 15.98 -0.34 -3.44
CA MET A 268 16.88 -0.22 -2.32
C MET A 268 18.27 0.29 -2.76
N SER A 269 18.75 -0.18 -3.92
CA SER A 269 20.00 0.33 -4.52
C SER A 269 20.03 1.87 -4.66
N ARG A 270 18.95 2.48 -5.11
CA ARG A 270 18.89 3.94 -5.19
C ARG A 270 18.93 4.58 -3.81
N ALA A 271 18.26 3.97 -2.83
CA ALA A 271 18.28 4.52 -1.44
C ALA A 271 19.67 4.43 -0.83
N LEU A 272 20.40 3.33 -1.09
CA LEU A 272 21.75 3.21 -0.59
C LEU A 272 22.69 4.19 -1.26
N GLY A 273 22.54 4.33 -2.58
CA GLY A 273 23.29 5.31 -3.34
C GLY A 273 23.10 6.73 -2.74
N GLN A 274 21.86 7.11 -2.44
CA GLN A 274 21.63 8.39 -1.82
C GLN A 274 22.33 8.51 -0.44
N ILE A 275 22.25 7.44 0.39
CA ILE A 275 22.99 7.45 1.66
C ILE A 275 24.50 7.61 1.46
N GLU A 276 25.08 6.93 0.48
CA GLU A 276 26.52 7.01 0.28
C GLU A 276 26.94 8.42 -0.17
N ALA A 277 26.18 8.99 -1.09
CA ALA A 277 26.51 10.34 -1.59
C ALA A 277 26.43 11.36 -0.46
N ASP A 278 25.41 11.24 0.39
CA ASP A 278 25.25 12.09 1.56
C ASP A 278 26.40 12.02 2.53
N ARG A 279 26.98 10.84 2.71
CA ARG A 279 28.08 10.70 3.66
C ARG A 279 29.27 11.60 3.34
N THR A 280 29.63 11.76 2.06
CA THR A 280 30.73 12.66 1.64
C THR A 280 31.13 13.73 2.69
N GLN B 4 -10.58 32.78 -11.36
CA GLN B 4 -11.39 33.05 -12.54
C GLN B 4 -11.23 31.96 -13.63
N ILE B 5 -12.12 32.00 -14.63
CA ILE B 5 -12.39 30.92 -15.57
C ILE B 5 -12.39 31.36 -17.05
N ASP B 6 -11.80 30.52 -17.90
CA ASP B 6 -11.67 30.72 -19.36
C ASP B 6 -11.91 29.37 -19.95
N GLY B 7 -13.12 29.21 -20.48
CA GLY B 7 -13.56 27.92 -21.01
C GLY B 7 -13.71 26.91 -19.88
N PHE B 8 -12.85 25.90 -19.95
CA PHE B 8 -12.77 24.88 -18.91
C PHE B 8 -11.50 25.04 -18.04
N VAL B 9 -10.76 26.16 -18.19
CA VAL B 9 -9.53 26.32 -17.42
C VAL B 9 -9.70 27.33 -16.30
N ARG B 10 -9.52 26.88 -15.08
CA ARG B 10 -9.64 27.77 -13.92
C ARG B 10 -8.28 28.15 -13.45
N THR B 11 -8.08 29.46 -13.22
CA THR B 11 -6.87 29.94 -12.59
C THR B 11 -7.00 29.97 -11.07
N LEU B 12 -6.30 29.10 -10.36
CA LEU B 12 -6.26 29.10 -8.90
C LEU B 12 -5.16 30.03 -8.37
N ARG B 13 -4.02 30.03 -9.04
CA ARG B 13 -3.00 31.04 -8.84
C ARG B 13 -2.19 31.14 -10.10
N ALA B 14 -2.19 32.35 -10.63
CA ALA B 14 -1.63 32.60 -11.95
C ALA B 14 -0.13 32.61 -11.74
N ARG B 15 0.60 32.11 -12.74
CA ARG B 15 2.05 32.14 -12.66
C ARG B 15 2.53 33.59 -12.95
N PRO B 16 3.65 34.03 -12.32
CA PRO B 16 4.23 35.33 -12.76
C PRO B 16 4.59 35.36 -14.26
N GLU B 17 4.45 36.53 -14.88
CA GLU B 17 4.58 36.69 -16.36
C GLU B 17 5.95 36.25 -16.93
N ALA B 18 7.01 36.37 -16.13
CA ALA B 18 8.33 35.78 -16.43
C ALA B 18 8.85 34.98 -15.24
N GLY B 19 9.37 33.77 -15.52
CA GLY B 19 9.95 32.93 -14.47
C GLY B 19 8.90 32.34 -13.51
N GLY B 20 9.20 32.35 -12.22
CA GLY B 20 8.40 31.67 -11.24
C GLY B 20 8.47 30.14 -11.31
N LYS B 21 7.79 29.53 -10.36
CA LYS B 21 7.79 28.09 -10.19
C LYS B 21 7.03 27.31 -11.26
N VAL B 22 7.23 26.00 -11.26
CA VAL B 22 6.56 25.14 -12.20
C VAL B 22 5.06 25.07 -11.78
N PRO B 23 4.13 25.35 -12.67
CA PRO B 23 2.69 25.20 -12.27
C PRO B 23 2.23 23.76 -11.98
N VAL B 24 1.28 23.69 -11.08
CA VAL B 24 0.61 22.41 -10.83
C VAL B 24 -0.73 22.44 -11.52
N PHE B 25 -1.00 21.44 -12.34
CA PHE B 25 -2.25 21.32 -13.07
C PHE B 25 -3.10 20.29 -12.31
N VAL B 26 -4.33 20.72 -11.96
CA VAL B 26 -5.25 19.88 -11.18
C VAL B 26 -6.50 19.62 -12.02
N PHE B 27 -7.17 18.53 -11.73
CA PHE B 27 -8.31 18.08 -12.51
C PHE B 27 -9.49 17.80 -11.61
N HIS B 28 -10.67 18.23 -12.07
CA HIS B 28 -11.90 18.22 -11.23
C HIS B 28 -12.34 16.80 -10.83
N PRO B 29 -12.90 16.67 -9.63
CA PRO B 29 -13.56 15.44 -9.26
C PRO B 29 -14.99 15.37 -9.75
N ALA B 30 -15.61 14.19 -9.71
CA ALA B 30 -17.07 14.16 -10.09
C ALA B 30 -17.90 15.00 -9.12
N GLY B 31 -18.76 15.83 -9.67
CA GLY B 31 -19.59 16.75 -8.91
C GLY B 31 -18.96 17.93 -8.24
N GLY B 32 -17.69 18.18 -8.59
CA GLY B 32 -16.97 19.24 -7.94
C GLY B 32 -16.23 20.07 -8.93
N SER B 33 -15.72 21.18 -8.41
CA SER B 33 -14.87 22.04 -9.20
C SER B 33 -13.42 21.93 -8.63
N THR B 34 -12.48 22.54 -9.33
CA THR B 34 -11.09 22.54 -8.91
C THR B 34 -10.79 23.48 -7.80
N VAL B 35 -11.77 24.29 -7.40
CA VAL B 35 -11.67 25.01 -6.08
C VAL B 35 -11.40 24.05 -4.91
N VAL B 36 -11.81 22.77 -5.04
CA VAL B 36 -11.56 21.71 -4.02
C VAL B 36 -10.08 21.53 -3.71
N TYR B 37 -9.20 21.99 -4.63
CA TYR B 37 -7.74 21.94 -4.40
C TYR B 37 -7.15 23.12 -3.65
N GLU B 38 -7.96 24.10 -3.25
CA GLU B 38 -7.37 25.21 -2.51
C GLU B 38 -6.70 24.81 -1.19
N PRO B 39 -7.28 23.87 -0.44
CA PRO B 39 -6.56 23.49 0.79
C PRO B 39 -5.15 22.85 0.51
N LEU B 40 -5.06 22.01 -0.52
CA LEU B 40 -3.80 21.46 -0.98
C LEU B 40 -2.82 22.57 -1.34
N LEU B 41 -3.29 23.54 -2.11
CA LEU B 41 -2.47 24.67 -2.52
C LEU B 41 -1.83 25.39 -1.32
N GLY B 42 -2.61 25.53 -0.28
CA GLY B 42 -2.19 26.06 1.03
C GLY B 42 -1.02 25.34 1.68
N ARG B 43 -0.92 24.05 1.38
CA ARG B 43 0.16 23.18 1.87
C ARG B 43 1.31 22.97 0.89
N LEU B 44 1.30 23.66 -0.25
CA LEU B 44 2.31 23.52 -1.26
C LEU B 44 3.22 24.70 -1.14
N PRO B 45 4.40 24.67 -1.79
CA PRO B 45 5.34 25.77 -1.53
C PRO B 45 4.74 27.14 -1.91
N ALA B 46 5.20 28.16 -1.19
CA ALA B 46 4.75 29.53 -1.49
C ALA B 46 4.86 29.89 -2.97
N ASP B 47 3.86 30.62 -3.47
CA ASP B 47 3.82 31.09 -4.85
C ASP B 47 3.85 30.01 -5.95
N THR B 48 3.45 28.79 -5.62
CA THR B 48 3.31 27.73 -6.64
C THR B 48 2.09 28.10 -7.51
N PRO B 49 2.26 28.25 -8.83
CA PRO B 49 1.05 28.47 -9.65
C PRO B 49 0.18 27.24 -9.71
N MET B 50 -1.11 27.43 -9.95
CA MET B 50 -2.03 26.28 -10.05
C MET B 50 -3.19 26.63 -10.99
N TYR B 51 -3.40 25.76 -11.94
CA TYR B 51 -4.51 25.83 -12.87
C TYR B 51 -5.32 24.54 -12.83
N GLY B 52 -6.64 24.66 -12.95
CA GLY B 52 -7.56 23.56 -12.83
C GLY B 52 -8.34 23.32 -14.11
N PHE B 53 -8.57 22.03 -14.43
CA PHE B 53 -9.30 21.69 -15.60
C PHE B 53 -10.64 21.19 -15.14
N GLU B 54 -11.68 21.86 -15.63
CA GLU B 54 -13.04 21.60 -15.26
C GLU B 54 -13.70 20.68 -16.29
N ARG B 55 -14.97 20.32 -16.04
CA ARG B 55 -15.63 19.24 -16.75
C ARG B 55 -15.79 19.53 -18.28
N VAL B 56 -15.49 18.54 -19.08
CA VAL B 56 -15.80 18.51 -20.50
C VAL B 56 -16.48 17.18 -20.78
N GLU B 57 -16.99 17.01 -22.01
CA GLU B 57 -17.80 15.82 -22.34
C GLU B 57 -16.93 14.68 -22.81
N GLY B 58 -17.45 13.45 -22.69
CA GLY B 58 -16.78 12.30 -23.29
C GLY B 58 -16.39 11.12 -22.42
N SER B 59 -15.86 10.09 -23.07
CA SER B 59 -15.13 9.02 -22.36
C SER B 59 -13.93 9.68 -21.69
N ILE B 60 -13.30 8.99 -20.76
CA ILE B 60 -12.11 9.50 -20.11
C ILE B 60 -11.08 9.91 -21.17
N GLU B 61 -10.86 9.07 -22.19
CA GLU B 61 -9.85 9.34 -23.22
C GLU B 61 -10.17 10.66 -24.07
N GLU B 62 -11.46 10.86 -24.38
CA GLU B 62 -11.99 12.01 -25.12
C GLU B 62 -11.81 13.27 -24.30
N ARG B 63 -11.95 13.17 -22.97
CA ARG B 63 -11.72 14.32 -22.13
C ARG B 63 -10.26 14.74 -22.18
N ALA B 64 -9.35 13.78 -22.03
CA ALA B 64 -7.94 14.09 -22.12
C ALA B 64 -7.56 14.51 -23.54
N GLN B 65 -8.24 14.05 -24.58
CA GLN B 65 -8.01 14.65 -25.93
C GLN B 65 -8.28 16.19 -25.98
N GLN B 66 -9.21 16.70 -25.16
CA GLN B 66 -9.45 18.14 -25.10
C GLN B 66 -8.46 18.85 -24.20
N TYR B 67 -8.09 18.19 -23.09
CA TYR B 67 -7.23 18.81 -22.11
C TYR B 67 -5.74 18.92 -22.63
N VAL B 68 -5.24 17.91 -23.33
CA VAL B 68 -3.80 17.88 -23.64
C VAL B 68 -3.35 19.08 -24.53
N PRO B 69 -4.09 19.37 -25.64
CA PRO B 69 -3.78 20.59 -26.46
C PRO B 69 -3.75 21.84 -25.62
N LYS B 70 -4.72 21.97 -24.72
CA LYS B 70 -4.74 23.06 -23.79
C LYS B 70 -3.57 23.10 -22.82
N LEU B 71 -3.20 21.93 -22.28
CA LEU B 71 -2.00 21.86 -21.40
C LEU B 71 -0.71 22.40 -22.15
N ILE B 72 -0.56 21.99 -23.39
CA ILE B 72 0.63 22.32 -24.19
C ILE B 72 0.64 23.81 -24.50
N GLU B 73 -0.54 24.33 -24.91
CA GLU B 73 -0.80 25.80 -24.98
C GLU B 73 -0.22 26.56 -23.80
N MET B 74 -0.45 26.07 -22.57
CA MET B 74 -0.03 26.77 -21.36
C MET B 74 1.40 26.60 -20.90
N GLN B 75 1.96 25.40 -21.09
CA GLN B 75 3.24 25.05 -20.50
C GLN B 75 4.36 24.67 -21.50
N GLY B 76 4.03 24.49 -22.78
CA GLY B 76 5.02 24.18 -23.82
C GLY B 76 5.73 22.85 -23.63
N ASP B 77 7.05 22.85 -23.39
CA ASP B 77 7.82 21.59 -23.33
C ASP B 77 7.71 20.72 -22.04
N GLY B 78 7.38 21.38 -20.93
CA GLY B 78 7.48 20.77 -19.63
C GLY B 78 8.15 21.78 -18.78
N PRO B 79 8.52 21.44 -17.56
CA PRO B 79 8.16 20.20 -16.94
C PRO B 79 6.61 20.19 -16.63
N TYR B 80 5.98 19.02 -16.78
CA TYR B 80 4.56 18.86 -16.42
C TYR B 80 4.40 18.24 -15.05
N VAL B 81 3.54 18.87 -14.22
CA VAL B 81 3.18 18.38 -12.89
C VAL B 81 1.64 18.23 -12.88
N LEU B 82 1.14 17.02 -12.75
CA LEU B 82 -0.29 16.68 -12.93
C LEU B 82 -0.83 16.05 -11.66
N VAL B 83 -1.93 16.55 -11.13
CA VAL B 83 -2.44 16.11 -9.82
C VAL B 83 -3.93 16.00 -9.87
N GLY B 84 -4.46 14.97 -9.19
CA GLY B 84 -5.88 14.86 -9.04
C GLY B 84 -6.34 13.90 -7.97
N TRP B 85 -7.49 14.26 -7.39
CA TRP B 85 -8.26 13.47 -6.43
C TRP B 85 -9.47 12.82 -7.12
N SER B 86 -9.62 11.51 -6.89
CA SER B 86 -10.83 10.77 -7.26
C SER B 86 -10.83 10.72 -8.83
N LEU B 87 -11.96 11.05 -9.48
CA LEU B 87 -11.99 11.12 -10.94
C LEU B 87 -10.84 11.97 -11.45
N GLY B 88 -10.54 13.04 -10.76
CA GLY B 88 -9.46 13.91 -11.18
C GLY B 88 -8.08 13.25 -11.27
N GLY B 89 -7.80 12.24 -10.43
CA GLY B 89 -6.59 11.41 -10.59
C GLY B 89 -6.57 10.65 -11.90
N VAL B 90 -7.70 10.04 -12.24
CA VAL B 90 -7.83 9.28 -13.49
C VAL B 90 -7.62 10.22 -14.71
N LEU B 91 -8.19 11.43 -14.65
CA LEU B 91 -7.99 12.45 -15.69
C LEU B 91 -6.52 12.88 -15.80
N ALA B 92 -5.89 13.15 -14.67
CA ALA B 92 -4.47 13.52 -14.63
C ALA B 92 -3.58 12.49 -15.29
N TYR B 93 -3.84 11.24 -14.94
CA TYR B 93 -3.10 10.10 -15.51
C TYR B 93 -3.32 10.00 -17.02
N ALA B 94 -4.56 10.12 -17.48
CA ALA B 94 -4.85 10.09 -18.93
C ALA B 94 -4.14 11.23 -19.68
N CYS B 95 -4.08 12.42 -19.04
CA CYS B 95 -3.26 13.52 -19.55
C CYS B 95 -1.73 13.20 -19.60
N ALA B 96 -1.19 12.59 -18.55
CA ALA B 96 0.24 12.15 -18.55
C ALA B 96 0.56 11.27 -19.78
N ILE B 97 -0.35 10.32 -20.08
CA ILE B 97 -0.20 9.39 -21.23
C ILE B 97 -0.18 10.17 -22.54
N GLY B 98 -1.11 11.12 -22.70
CA GLY B 98 -1.22 11.92 -23.96
C GLY B 98 -0.01 12.79 -24.11
N LEU B 99 0.45 13.40 -23.01
CA LEU B 99 1.62 14.27 -23.07
C LEU B 99 2.90 13.50 -23.42
N ARG B 100 3.01 12.28 -22.90
CA ARG B 100 4.17 11.42 -23.25
C ARG B 100 4.13 11.01 -24.75
N ARG B 101 3.00 10.62 -25.28
CA ARG B 101 2.89 10.43 -26.74
C ARG B 101 3.37 11.61 -27.59
N LEU B 102 3.19 12.81 -27.09
CA LEU B 102 3.67 14.02 -27.77
C LEU B 102 5.07 14.44 -27.40
N GLY B 103 5.74 13.62 -26.62
CA GLY B 103 7.16 13.81 -26.37
C GLY B 103 7.44 14.77 -25.27
N LYS B 104 6.42 15.10 -24.45
CA LYS B 104 6.59 16.10 -23.43
C LYS B 104 7.17 15.55 -22.17
N ASP B 105 7.77 16.46 -21.40
CA ASP B 105 8.44 16.05 -20.19
C ASP B 105 7.52 16.09 -18.92
N VAL B 106 7.04 14.91 -18.51
CA VAL B 106 6.14 14.80 -17.33
C VAL B 106 7.00 14.41 -16.16
N ARG B 107 7.08 15.26 -15.16
CA ARG B 107 7.95 15.05 -14.02
C ARG B 107 7.25 14.61 -12.72
N PHE B 108 5.92 14.81 -12.59
CA PHE B 108 5.22 14.38 -11.36
C PHE B 108 3.77 14.09 -11.73
N VAL B 109 3.29 12.95 -11.29
CA VAL B 109 1.88 12.58 -11.39
C VAL B 109 1.45 12.18 -9.97
N GLY B 110 0.61 13.02 -9.37
CA GLY B 110 0.12 12.87 -8.02
C GLY B 110 -1.35 12.47 -7.97
N LEU B 111 -1.63 11.22 -7.61
CA LEU B 111 -2.95 10.60 -7.52
C LEU B 111 -3.41 10.60 -6.04
N ILE B 112 -4.43 11.42 -5.73
CA ILE B 112 -4.88 11.53 -4.34
C ILE B 112 -6.02 10.56 -4.18
N ASP B 113 -5.68 9.38 -3.65
CA ASP B 113 -6.59 8.28 -3.42
C ASP B 113 -7.42 7.87 -4.61
N ALA B 114 -6.81 7.88 -5.80
CA ALA B 114 -7.48 7.44 -7.00
C ALA B 114 -7.25 5.96 -7.09
N VAL B 115 -8.25 5.21 -6.61
CA VAL B 115 -8.00 3.80 -6.31
C VAL B 115 -9.04 2.95 -7.07
N ARG B 116 -8.56 1.95 -7.79
CA ARG B 116 -9.44 1.14 -8.64
C ARG B 116 -10.35 0.29 -7.75
N ALA B 117 -11.55 0.03 -8.25
CA ALA B 117 -12.47 -0.90 -7.60
C ALA B 117 -11.77 -2.25 -7.45
N GLY B 118 -12.13 -2.99 -6.41
CA GLY B 118 -11.50 -4.28 -6.09
C GLY B 118 -11.71 -5.38 -7.10
N GLU B 119 -12.76 -5.27 -7.88
CA GLU B 119 -12.96 -6.12 -9.05
C GLU B 119 -13.55 -5.29 -10.14
N GLU B 120 -13.38 -5.79 -11.36
CA GLU B 120 -13.88 -5.17 -12.58
C GLU B 120 -15.40 -5.03 -12.50
N ILE B 121 -15.92 -3.95 -13.09
CA ILE B 121 -17.35 -3.72 -13.09
C ILE B 121 -17.82 -4.35 -14.40
N PRO B 122 -18.60 -5.45 -14.34
CA PRO B 122 -19.02 -6.08 -15.62
C PRO B 122 -19.94 -5.20 -16.46
N GLN B 123 -19.69 -5.18 -17.75
CA GLN B 123 -20.50 -4.46 -18.73
C GLN B 123 -21.57 -5.40 -19.36
N THR B 124 -22.55 -5.76 -18.54
CA THR B 124 -23.62 -6.72 -18.93
C THR B 124 -24.99 -6.24 -18.47
N LYS B 125 -26.01 -6.78 -19.11
CA LYS B 125 -27.38 -6.48 -18.78
C LYS B 125 -27.74 -6.84 -17.34
N GLU B 126 -27.26 -7.99 -16.83
CA GLU B 126 -27.59 -8.35 -15.45
C GLU B 126 -27.05 -7.33 -14.44
N GLU B 127 -25.85 -6.82 -14.68
CA GLU B 127 -25.30 -5.73 -13.80
C GLU B 127 -26.17 -4.45 -13.80
N ILE B 128 -26.67 -4.07 -14.98
CA ILE B 128 -27.49 -2.85 -15.12
C ILE B 128 -28.71 -3.06 -14.26
N ARG B 129 -29.40 -4.20 -14.47
CA ARG B 129 -30.52 -4.59 -13.59
C ARG B 129 -30.18 -4.56 -12.11
N LYS B 130 -29.12 -5.26 -11.69
CA LYS B 130 -28.69 -5.31 -10.27
C LYS B 130 -28.48 -3.91 -9.70
N ARG B 131 -27.80 -3.07 -10.48
CA ARG B 131 -27.45 -1.74 -10.05
C ARG B 131 -28.67 -0.84 -9.75
N TRP B 132 -29.59 -0.76 -10.70
CA TRP B 132 -30.77 0.10 -10.54
C TRP B 132 -31.72 -0.43 -9.42
N ASP B 133 -31.81 -1.76 -9.28
CA ASP B 133 -32.49 -2.39 -8.08
C ASP B 133 -31.91 -1.91 -6.79
N ARG B 134 -30.56 -1.90 -6.69
CA ARG B 134 -29.88 -1.43 -5.47
CA ARG B 134 -29.83 -1.40 -5.50
C ARG B 134 -30.20 0.04 -5.21
N TYR B 135 -30.25 0.85 -6.28
CA TYR B 135 -30.53 2.29 -6.11
C TYR B 135 -32.03 2.52 -5.67
N ALA B 136 -32.98 1.83 -6.30
CA ALA B 136 -34.42 1.87 -5.86
C ALA B 136 -34.53 1.59 -4.36
N ALA B 137 -34.00 0.44 -3.92
CA ALA B 137 -33.99 0.09 -2.48
C ALA B 137 -33.45 1.20 -1.57
N PHE B 138 -32.46 1.99 -1.99
CA PHE B 138 -32.18 3.22 -1.25
C PHE B 138 -33.30 4.21 -1.68
N ALA B 139 -34.47 4.06 -1.04
CA ALA B 139 -35.70 4.91 -1.21
C ALA B 139 -36.04 5.44 0.17
N GLU B 140 -36.09 4.52 1.14
CA GLU B 140 -35.80 4.90 2.51
C GLU B 140 -34.77 6.04 2.45
N PRO B 148 -42.15 3.84 -7.06
CA PRO B 148 -42.02 3.64 -8.51
C PRO B 148 -41.94 2.14 -8.86
N ALA B 149 -41.82 1.83 -10.15
CA ALA B 149 -41.25 0.52 -10.59
C ALA B 149 -40.60 0.59 -11.99
N ILE B 150 -39.52 -0.19 -12.21
CA ILE B 150 -38.67 -0.06 -13.43
C ILE B 150 -38.70 -1.21 -14.46
N PRO B 151 -39.13 -0.92 -15.71
CA PRO B 151 -39.16 -1.97 -16.75
C PRO B 151 -37.76 -2.28 -17.30
N TYR B 152 -37.29 -3.52 -17.09
CA TYR B 152 -35.89 -3.87 -17.33
C TYR B 152 -35.53 -4.04 -18.79
N GLU B 153 -36.44 -4.59 -19.59
CA GLU B 153 -36.18 -4.84 -21.01
C GLU B 153 -35.62 -3.59 -21.72
N GLN B 154 -36.12 -2.42 -21.31
CA GLN B 154 -35.76 -1.14 -21.90
C GLN B 154 -34.45 -0.59 -21.31
N LEU B 155 -34.37 -0.49 -19.98
CA LEU B 155 -33.14 -0.03 -19.26
C LEU B 155 -31.86 -0.67 -19.75
N GLU B 156 -31.91 -1.98 -19.90
CA GLU B 156 -30.71 -2.81 -20.00
C GLU B 156 -30.11 -2.75 -21.38
N GLU B 157 -30.86 -2.17 -22.31
CA GLU B 157 -30.37 -1.87 -23.64
C GLU B 157 -29.71 -0.49 -23.72
N LEU B 158 -29.77 0.33 -22.69
CA LEU B 158 -29.29 1.75 -22.81
C LEU B 158 -27.85 1.90 -22.29
N ASP B 159 -27.10 2.88 -22.80
CA ASP B 159 -25.79 3.16 -22.17
C ASP B 159 -26.05 3.91 -20.84
N ASP B 160 -24.98 4.31 -20.14
CA ASP B 160 -25.11 4.93 -18.83
C ASP B 160 -25.95 6.20 -18.91
N GLU B 161 -25.73 7.01 -19.95
CA GLU B 161 -26.44 8.28 -20.10
C GLU B 161 -27.97 8.03 -20.21
N GLY B 162 -28.34 7.17 -21.14
CA GLY B 162 -29.75 6.83 -21.32
C GLY B 162 -30.37 6.15 -20.11
N GLN B 163 -29.64 5.29 -19.45
CA GLN B 163 -30.12 4.70 -18.20
C GLN B 163 -30.54 5.74 -17.18
N VAL B 164 -29.62 6.66 -16.85
CA VAL B 164 -29.91 7.64 -15.84
C VAL B 164 -31.08 8.58 -16.27
N ARG B 165 -31.17 8.96 -17.54
CA ARG B 165 -32.28 9.83 -18.01
C ARG B 165 -33.65 9.06 -17.91
N PHE B 166 -33.60 7.78 -18.26
CA PHE B 166 -34.80 6.92 -18.26
C PHE B 166 -35.37 6.73 -16.86
N VAL B 167 -34.50 6.45 -15.91
CA VAL B 167 -34.86 6.35 -14.49
C VAL B 167 -35.32 7.67 -13.90
N LEU B 168 -34.60 8.77 -14.18
CA LEU B 168 -35.11 10.07 -13.79
C LEU B 168 -36.48 10.39 -14.35
N ASP B 169 -36.76 10.00 -15.59
CA ASP B 169 -38.08 10.24 -16.19
C ASP B 169 -39.17 9.43 -15.42
N ALA B 170 -38.89 8.14 -15.15
CA ALA B 170 -39.83 7.31 -14.36
C ALA B 170 -40.06 7.89 -12.97
N VAL B 171 -39.07 8.50 -12.32
CA VAL B 171 -39.32 9.01 -10.97
C VAL B 171 -40.09 10.32 -10.91
N SER B 172 -39.90 11.23 -11.87
CA SER B 172 -40.76 12.43 -11.88
C SER B 172 -42.21 12.06 -12.29
N GLN B 173 -42.35 11.11 -13.23
CA GLN B 173 -43.67 10.58 -13.63
C GLN B 173 -44.42 9.98 -12.41
N SER B 174 -43.66 9.37 -11.48
CA SER B 174 -44.17 8.90 -10.16
C SER B 174 -44.75 9.98 -9.24
N GLY B 175 -44.37 11.24 -9.46
CA GLY B 175 -44.83 12.36 -8.64
C GLY B 175 -43.81 12.92 -7.68
N VAL B 176 -42.56 12.49 -7.79
CA VAL B 176 -41.51 13.04 -6.95
C VAL B 176 -41.01 14.36 -7.59
N GLN B 177 -40.86 15.40 -6.78
CA GLN B 177 -40.42 16.73 -7.25
C GLN B 177 -39.05 17.09 -6.68
N ILE B 178 -38.00 16.93 -7.47
CA ILE B 178 -36.64 17.37 -7.07
C ILE B 178 -36.34 18.58 -7.95
N PRO B 179 -35.74 19.63 -7.38
CA PRO B 179 -35.41 20.81 -8.23
C PRO B 179 -34.54 20.47 -9.44
N ALA B 180 -34.86 21.06 -10.60
CA ALA B 180 -34.16 20.74 -11.80
C ALA B 180 -32.61 20.94 -11.69
N GLY B 181 -32.15 21.99 -10.98
CA GLY B 181 -30.69 22.24 -10.83
C GLY B 181 -29.95 21.15 -10.03
N ILE B 182 -30.67 20.54 -9.08
CA ILE B 182 -30.13 19.42 -8.30
C ILE B 182 -30.13 18.17 -9.15
N ILE B 183 -31.20 17.90 -9.86
CA ILE B 183 -31.24 16.74 -10.72
C ILE B 183 -30.07 16.78 -11.69
N GLU B 184 -29.87 17.94 -12.32
CA GLU B 184 -28.80 18.05 -13.32
C GLU B 184 -27.41 17.86 -12.72
N HIS B 185 -27.17 18.44 -11.57
CA HIS B 185 -25.90 18.24 -10.89
C HIS B 185 -25.67 16.80 -10.52
N GLN B 186 -26.73 16.10 -10.08
CA GLN B 186 -26.58 14.67 -9.68
C GLN B 186 -26.46 13.78 -10.89
N ARG B 187 -27.09 14.15 -12.01
CA ARG B 187 -26.93 13.44 -13.27
C ARG B 187 -25.47 13.43 -13.77
N THR B 188 -24.83 14.59 -13.80
CA THR B 188 -23.46 14.63 -14.27
C THR B 188 -22.46 14.09 -13.24
N SER B 189 -22.74 14.23 -11.93
CA SER B 189 -21.86 13.58 -10.91
C SER B 189 -21.84 12.09 -11.08
N TYR B 190 -23.03 11.51 -11.27
CA TYR B 190 -23.20 10.09 -11.52
C TYR B 190 -22.46 9.62 -12.76
N LEU B 191 -22.70 10.28 -13.89
CA LEU B 191 -22.11 9.86 -15.12
C LEU B 191 -20.57 10.02 -15.18
N ASP B 192 -20.07 11.07 -14.55
CA ASP B 192 -18.61 11.32 -14.50
C ASP B 192 -17.90 10.19 -13.72
N ASN B 193 -18.43 9.82 -12.53
CA ASN B 193 -17.90 8.63 -11.78
C ASN B 193 -18.04 7.31 -12.53
N ARG B 194 -19.18 7.11 -13.21
CA ARG B 194 -19.44 5.90 -13.99
C ARG B 194 -18.54 5.75 -15.22
N ALA B 195 -18.13 6.88 -15.80
CA ALA B 195 -17.21 6.90 -16.91
C ALA B 195 -15.86 6.22 -16.58
N ILE B 196 -15.45 6.24 -15.31
CA ILE B 196 -14.16 5.67 -14.91
C ILE B 196 -14.18 4.18 -15.16
N ASP B 197 -15.36 3.52 -15.05
CA ASP B 197 -15.40 2.05 -15.10
C ASP B 197 -14.84 1.45 -16.38
N THR B 198 -14.98 2.14 -17.51
CA THR B 198 -14.51 1.68 -18.81
C THR B 198 -13.26 2.44 -19.30
N ALA B 199 -12.54 3.09 -18.40
CA ALA B 199 -11.33 3.83 -18.79
C ALA B 199 -10.32 2.84 -19.36
N GLN B 200 -9.65 3.21 -20.44
CA GLN B 200 -8.69 2.30 -21.04
C GLN B 200 -7.29 2.71 -20.60
N ILE B 201 -6.84 2.14 -19.48
CA ILE B 201 -5.59 2.54 -18.82
C ILE B 201 -4.38 2.05 -19.59
N GLN B 202 -3.49 2.99 -19.97
CA GLN B 202 -2.26 2.75 -20.72
C GLN B 202 -1.05 2.74 -19.77
N PRO B 203 0.05 2.09 -20.18
CA PRO B 203 1.23 2.18 -19.33
C PRO B 203 1.92 3.53 -19.37
N TYR B 204 2.49 3.89 -18.23
CA TYR B 204 3.12 5.15 -18.08
C TYR B 204 4.56 4.90 -17.69
N ASP B 205 5.48 5.60 -18.34
CA ASP B 205 6.93 5.41 -18.12
C ASP B 205 7.60 6.27 -17.04
N GLY B 206 6.85 7.11 -16.33
CA GLY B 206 7.44 7.90 -15.24
C GLY B 206 7.05 7.52 -13.82
N HIS B 207 7.43 8.39 -12.89
CA HIS B 207 7.16 8.22 -11.47
C HIS B 207 5.71 8.64 -11.19
N VAL B 208 4.96 7.75 -10.60
CA VAL B 208 3.64 8.10 -10.08
C VAL B 208 3.67 8.00 -8.58
N THR B 209 3.06 8.99 -7.92
CA THR B 209 2.85 8.96 -6.47
C THR B 209 1.40 8.83 -6.16
N LEU B 210 1.02 7.76 -5.46
CA LEU B 210 -0.33 7.45 -5.10
C LEU B 210 -0.47 7.67 -3.59
N TYR B 211 -1.27 8.68 -3.23
CA TYR B 211 -1.57 8.99 -1.82
C TYR B 211 -2.72 8.15 -1.43
N MET B 212 -2.49 7.19 -0.53
CA MET B 212 -3.41 6.08 -0.33
C MET B 212 -4.21 6.12 1.01
N ALA B 213 -5.53 6.32 0.95
CA ALA B 213 -6.39 6.27 2.13
C ALA B 213 -6.59 4.84 2.57
N ASP B 214 -7.17 4.64 3.73
CA ASP B 214 -7.51 3.28 4.20
C ASP B 214 -8.60 2.68 3.42
N ARG B 215 -9.60 3.46 3.01
CA ARG B 215 -10.81 2.92 2.37
C ARG B 215 -11.67 3.95 1.69
N TYR B 216 -12.54 3.49 0.81
CA TYR B 216 -13.63 4.27 0.29
C TYR B 216 -14.71 4.56 1.33
N HIS B 217 -15.25 5.77 1.27
CA HIS B 217 -16.37 6.19 2.12
C HIS B 217 -17.62 5.51 1.71
N ASP B 218 -18.61 5.56 2.59
CA ASP B 218 -19.86 4.83 2.37
C ASP B 218 -20.62 5.23 1.16
N ASP B 219 -20.71 6.55 0.87
CA ASP B 219 -21.41 6.98 -0.39
C ASP B 219 -20.81 6.36 -1.64
N ALA B 220 -19.49 6.21 -1.68
CA ALA B 220 -18.81 5.57 -2.87
C ALA B 220 -19.18 4.08 -3.01
N ILE B 221 -19.31 3.42 -1.86
CA ILE B 221 -19.67 1.99 -1.84
C ILE B 221 -21.15 1.77 -2.21
N MET B 222 -22.01 2.71 -1.80
CA MET B 222 -23.42 2.73 -2.21
C MET B 222 -23.50 2.89 -3.72
N PHE B 223 -22.69 3.82 -4.26
CA PHE B 223 -22.60 4.00 -5.71
C PHE B 223 -22.16 2.73 -6.46
N GLU B 224 -21.14 2.08 -5.94
CA GLU B 224 -20.52 0.93 -6.62
C GLU B 224 -19.94 0.01 -5.53
N PRO B 225 -20.59 -1.15 -5.33
CA PRO B 225 -20.19 -1.94 -4.15
C PRO B 225 -18.78 -2.49 -4.25
N ARG B 226 -18.24 -2.58 -5.46
CA ARG B 226 -16.89 -3.13 -5.58
C ARG B 226 -15.79 -2.20 -5.01
N TYR B 227 -16.16 -0.93 -4.73
CA TYR B 227 -15.25 -0.02 -4.05
C TYR B 227 -15.00 -0.43 -2.62
N ALA B 228 -15.74 -1.44 -2.11
CA ALA B 228 -15.50 -1.94 -0.74
C ALA B 228 -14.15 -2.62 -0.55
N VAL B 229 -13.57 -3.15 -1.60
CA VAL B 229 -12.30 -3.82 -1.54
C VAL B 229 -11.28 -3.03 -2.37
N ARG B 230 -10.08 -2.83 -1.83
CA ARG B 230 -8.91 -2.26 -2.55
C ARG B 230 -7.63 -3.05 -2.34
N GLN B 231 -6.82 -3.05 -3.39
CA GLN B 231 -5.49 -3.67 -3.33
C GLN B 231 -4.45 -2.70 -2.87
N PRO B 232 -3.34 -3.21 -2.31
CA PRO B 232 -2.22 -2.38 -1.93
C PRO B 232 -1.64 -1.38 -2.97
N ASP B 233 -1.67 -1.70 -4.28
CA ASP B 233 -1.21 -0.83 -5.34
C ASP B 233 -2.32 0.09 -5.94
N GLY B 234 -3.55 -0.02 -5.44
CA GLY B 234 -4.69 0.74 -5.98
C GLY B 234 -5.02 0.38 -7.41
N GLY B 235 -4.58 -0.80 -7.86
CA GLY B 235 -4.76 -1.25 -9.23
C GLY B 235 -3.74 -0.80 -10.25
N TRP B 236 -2.72 -0.02 -9.84
CA TRP B 236 -1.86 0.64 -10.78
C TRP B 236 -0.61 -0.15 -11.12
N GLY B 237 -0.35 -1.22 -10.37
CA GLY B 237 0.98 -1.84 -10.40
C GLY B 237 1.28 -2.41 -11.81
N GLU B 238 0.27 -2.94 -12.47
CA GLU B 238 0.50 -3.49 -13.81
C GLU B 238 0.75 -2.45 -14.88
N TYR B 239 0.48 -1.16 -14.62
CA TYR B 239 0.62 -0.07 -15.58
C TYR B 239 1.77 0.84 -15.31
N VAL B 240 2.24 0.90 -14.07
CA VAL B 240 3.23 1.83 -13.67
C VAL B 240 4.30 1.03 -12.92
N SER B 241 5.48 0.91 -13.50
CA SER B 241 6.60 0.21 -12.81
C SER B 241 7.25 1.08 -11.71
N ASP B 242 7.36 2.39 -11.96
CA ASP B 242 7.84 3.33 -10.92
C ASP B 242 6.69 3.91 -10.06
N LEU B 243 6.11 3.09 -9.21
CA LEU B 243 4.91 3.48 -8.38
C LEU B 243 5.34 3.62 -6.93
N GLU B 244 5.09 4.78 -6.34
CA GLU B 244 5.30 5.06 -4.90
C GLU B 244 3.92 5.25 -4.24
N VAL B 245 3.64 4.48 -3.19
CA VAL B 245 2.42 4.62 -2.41
C VAL B 245 2.78 5.31 -1.11
N VAL B 246 2.05 6.39 -0.80
CA VAL B 246 2.17 7.13 0.46
C VAL B 246 0.88 6.94 1.25
N PRO B 247 0.89 6.06 2.26
CA PRO B 247 -0.32 5.88 3.03
C PRO B 247 -0.67 7.18 3.77
N ILE B 248 -1.97 7.53 3.76
CA ILE B 248 -2.46 8.75 4.43
C ILE B 248 -3.53 8.50 5.44
N GLY B 249 -4.09 7.28 5.46
CA GLY B 249 -5.18 6.92 6.33
C GLY B 249 -6.49 7.58 5.94
N GLY B 250 -7.47 7.40 6.82
CA GLY B 250 -8.82 7.92 6.63
C GLY B 250 -9.58 7.35 5.46
N GLU B 251 -10.57 8.10 5.02
CA GLU B 251 -11.49 7.66 3.97
C GLU B 251 -11.24 8.51 2.72
N HIS B 252 -11.61 8.00 1.56
CA HIS B 252 -11.49 8.76 0.27
C HIS B 252 -11.93 10.20 0.34
N ILE B 253 -13.14 10.42 0.82
CA ILE B 253 -13.79 11.73 0.88
C ILE B 253 -13.02 12.69 1.76
N GLN B 254 -12.25 12.20 2.74
CA GLN B 254 -11.42 13.06 3.62
C GLN B 254 -10.04 13.38 3.09
N ALA B 255 -9.56 12.64 2.07
CA ALA B 255 -8.19 12.83 1.60
C ALA B 255 -7.84 14.18 1.05
N ILE B 256 -8.84 14.92 0.56
CA ILE B 256 -8.68 16.21 -0.08
C ILE B 256 -8.79 17.40 0.91
N ASP B 257 -9.17 17.11 2.15
CA ASP B 257 -9.42 18.12 3.19
C ASP B 257 -8.43 18.09 4.33
N GLU B 258 -8.38 19.17 5.10
CA GLU B 258 -7.64 19.18 6.36
C GLU B 258 -8.31 18.18 7.31
N PRO B 259 -7.54 17.44 8.13
CA PRO B 259 -6.08 17.55 8.29
C PRO B 259 -5.25 16.63 7.36
N ILE B 260 -5.88 15.67 6.69
CA ILE B 260 -5.17 14.68 5.86
C ILE B 260 -4.39 15.31 4.72
N ILE B 261 -4.91 16.41 4.11
CA ILE B 261 -4.23 17.06 2.99
C ILE B 261 -2.86 17.68 3.39
N ALA B 262 -2.66 17.96 4.66
CA ALA B 262 -1.35 18.38 5.16
C ALA B 262 -0.28 17.28 4.99
N LYS B 263 -0.65 16.02 5.17
CA LYS B 263 0.26 14.87 4.92
C LYS B 263 0.59 14.72 3.41
N VAL B 264 -0.45 14.87 2.59
CA VAL B 264 -0.22 14.98 1.14
C VAL B 264 0.68 16.13 0.77
N GLY B 265 0.36 17.34 1.23
CA GLY B 265 1.14 18.51 0.91
C GLY B 265 2.57 18.56 1.38
N GLU B 266 2.81 17.99 2.56
CA GLU B 266 4.18 17.95 3.09
C GLU B 266 5.07 17.10 2.12
N HIS B 267 4.54 15.94 1.71
CA HIS B 267 5.26 15.03 0.81
C HIS B 267 5.38 15.61 -0.58
N MET B 268 4.25 16.09 -1.14
CA MET B 268 4.25 16.73 -2.44
C MET B 268 5.21 17.92 -2.52
N SER B 269 5.28 18.68 -1.44
CA SER B 269 6.13 19.86 -1.40
C SER B 269 7.62 19.45 -1.55
N ARG B 270 7.98 18.31 -0.97
CA ARG B 270 9.40 17.81 -1.14
C ARG B 270 9.64 17.44 -2.58
N ALA B 271 8.66 16.78 -3.21
CA ALA B 271 8.76 16.42 -4.62
C ALA B 271 8.96 17.61 -5.54
N LEU B 272 8.15 18.67 -5.33
CA LEU B 272 8.17 19.83 -6.16
C LEU B 272 9.42 20.60 -5.92
N GLY B 273 9.90 20.68 -4.67
CA GLY B 273 11.23 21.32 -4.39
C GLY B 273 12.39 20.63 -5.16
N GLN B 274 12.35 19.29 -5.19
CA GLN B 274 13.36 18.54 -5.96
C GLN B 274 13.31 18.93 -7.45
N ILE B 275 12.10 19.09 -8.01
CA ILE B 275 11.96 19.52 -9.39
C ILE B 275 12.45 20.95 -9.65
N GLU B 276 12.23 21.85 -8.69
CA GLU B 276 12.70 23.24 -8.84
C GLU B 276 14.23 23.32 -8.86
N ALA B 277 14.88 22.67 -7.90
CA ALA B 277 16.34 22.53 -7.92
C ALA B 277 16.84 22.02 -9.29
N ASP B 278 16.26 20.92 -9.78
CA ASP B 278 16.77 20.28 -11.00
C ASP B 278 16.56 21.07 -12.28
N ARG B 279 15.78 22.16 -12.23
CA ARG B 279 15.89 23.18 -13.25
C ARG B 279 17.09 24.06 -12.88
#